data_2G2Z
#
_entry.id   2G2Z
#
_cell.length_a   83.337
_cell.length_b   83.337
_cell.length_c   164.365
_cell.angle_alpha   90.00
_cell.angle_beta   90.00
_cell.angle_gamma   90.00
#
_symmetry.space_group_name_H-M   'P 41 21 2'
#
loop_
_entity.id
_entity.type
_entity.pdbx_description
1 polymer 'Malonyl CoA-acyl carrier protein transacylase'
2 non-polymer 'COENZYME A'
3 non-polymer 'MALONIC ACID'
4 water water
#
_entity_poly.entity_id   1
_entity_poly.type   'polypeptide(L)'
_entity_poly.pdbx_seq_one_letter_code
;TQFAFVFPGQGSQTVGMLADMAASYPIVEETFAEASAALGYDLWALTQQGPAEELNKTWQTQPALLTASVALYRVWQQQG
GKAPAMMAGHSLGEYSALVCAGVIDFADAVRLVEMRGKFMQEAVPEGTGAMAAIIGLDDASIAKACEEAAEGQVVSPVNF
NSPGQVVIAGHKEAVERAGAACKAAGAKRALPLPVSVPSHCALMKPAADKLAVELAKITFNAPTVPVVNNVDVKCETNGD
AIRDALVRQLYNPVQWTKSVEYMAAQGVEHLYEVGPGKVLTGLTKRIVDTLTASALNEPSAMAAALEL
;
_entity_poly.pdbx_strand_id   A
#
loop_
_chem_comp.id
_chem_comp.type
_chem_comp.name
_chem_comp.formula
COZ non-polymer 'COENZYME A' 'C21 H36 N7 O16 P3 S'
MLA non-polymer 'MALONIC ACID' 'C3 H4 O4'
#
# COMPACT_ATOMS: atom_id res chain seq x y z
N GLN A 2 -10.07 19.75 -0.24
CA GLN A 2 -10.07 19.70 1.26
C GLN A 2 -9.57 18.35 1.79
N PHE A 3 -10.33 17.27 1.64
CA PHE A 3 -9.80 15.97 2.01
C PHE A 3 -9.44 14.98 0.90
N ALA A 4 -8.48 14.11 1.18
CA ALA A 4 -8.16 13.01 0.31
C ALA A 4 -8.38 11.69 1.01
N PHE A 5 -8.70 10.66 0.24
CA PHE A 5 -8.67 9.31 0.77
C PHE A 5 -7.30 8.70 0.53
N VAL A 6 -6.76 8.00 1.53
CA VAL A 6 -5.52 7.27 1.38
C VAL A 6 -5.56 5.84 1.85
N PHE A 7 -4.87 4.99 1.13
CA PHE A 7 -5.11 3.57 1.16
C PHE A 7 -3.89 2.75 1.50
N PRO A 8 -3.97 2.03 2.61
CA PRO A 8 -2.86 1.21 3.10
C PRO A 8 -2.58 -0.03 2.27
N GLY A 9 -1.45 -0.67 2.52
CA GLY A 9 -1.16 -1.97 1.97
C GLY A 9 -0.39 -2.80 2.97
N GLN A 10 0.49 -3.66 2.49
CA GLN A 10 1.02 -4.73 3.35
C GLN A 10 1.49 -4.13 4.67
N GLY A 11 1.22 -4.84 5.76
CA GLY A 11 1.52 -4.37 7.10
C GLY A 11 0.27 -4.07 7.90
N SER A 12 -0.81 -3.72 7.20
CA SER A 12 -1.99 -3.21 7.89
C SER A 12 -3.00 -4.29 8.26
N GLN A 13 -2.87 -5.45 7.65
CA GLN A 13 -3.69 -6.62 7.94
C GLN A 13 -3.77 -6.86 9.46
N THR A 14 -4.97 -7.17 9.96
CA THR A 14 -5.10 -8.01 11.15
C THR A 14 -6.22 -9.01 11.03
N VAL A 15 -6.02 -10.12 11.72
CA VAL A 15 -7.05 -11.07 11.92
C VAL A 15 -8.05 -10.34 12.77
N GLY A 16 -9.29 -10.24 12.29
CA GLY A 16 -10.31 -9.50 13.00
C GLY A 16 -10.72 -8.21 12.31
N MET A 17 -9.97 -7.80 11.30
CA MET A 17 -10.09 -6.42 10.84
C MET A 17 -11.48 -6.20 10.25
N LEU A 18 -12.06 -5.03 10.49
CA LEU A 18 -13.38 -4.66 9.96
C LEU A 18 -14.54 -5.39 10.65
N ALA A 19 -14.23 -6.25 11.61
CA ALA A 19 -15.31 -6.93 12.30
C ALA A 19 -16.41 -5.94 12.71
N ASP A 20 -16.02 -4.87 13.38
CA ASP A 20 -16.97 -3.90 13.93
C ASP A 20 -17.72 -3.27 12.78
N MET A 21 -17.04 -2.98 11.70
CA MET A 21 -17.74 -2.22 10.69
C MET A 21 -18.76 -3.19 10.17
N ALA A 22 -18.34 -4.43 9.99
CA ALA A 22 -19.19 -5.44 9.37
C ALA A 22 -20.52 -5.52 10.12
N ALA A 23 -20.48 -5.34 11.42
CA ALA A 23 -21.68 -5.55 12.23
C ALA A 23 -22.68 -4.43 11.99
N SER A 24 -22.21 -3.28 11.53
CA SER A 24 -23.08 -2.14 11.37
C SER A 24 -23.35 -1.86 9.93
N TYR A 25 -22.69 -2.59 9.04
CA TYR A 25 -22.80 -2.33 7.60
C TYR A 25 -22.70 -3.59 6.75
N PRO A 26 -23.84 -4.17 6.45
CA PRO A 26 -23.94 -5.38 5.63
C PRO A 26 -23.07 -5.38 4.39
N ILE A 27 -22.74 -4.23 3.86
CA ILE A 27 -22.09 -4.24 2.55
C ILE A 27 -20.63 -4.66 2.66
N VAL A 28 -20.05 -4.55 3.86
CA VAL A 28 -18.73 -5.06 4.07
C VAL A 28 -18.65 -6.52 3.68
N GLU A 29 -19.56 -7.34 4.19
CA GLU A 29 -19.57 -8.77 3.85
C GLU A 29 -20.06 -9.04 2.43
N GLU A 30 -21.02 -8.26 1.94
CA GLU A 30 -21.50 -8.53 0.60
C GLU A 30 -20.23 -8.40 -0.18
N THR A 31 -19.41 -7.44 0.20
CA THR A 31 -18.22 -7.11 -0.58
C THR A 31 -17.20 -8.25 -0.56
N PHE A 32 -16.95 -8.81 0.60
CA PHE A 32 -15.98 -9.87 0.66
C PHE A 32 -16.52 -11.09 -0.08
N ALA A 33 -17.83 -11.16 -0.15
CA ALA A 33 -18.48 -12.25 -0.84
C ALA A 33 -18.14 -12.14 -2.31
N GLU A 34 -18.28 -10.93 -2.84
CA GLU A 34 -18.03 -10.71 -4.25
C GLU A 34 -16.61 -11.14 -4.62
N ALA A 35 -15.66 -10.93 -3.72
CA ALA A 35 -14.26 -11.22 -4.01
C ALA A 35 -13.93 -12.66 -3.75
N SER A 36 -14.50 -13.19 -2.68
CA SER A 36 -14.43 -14.59 -2.38
C SER A 36 -14.83 -15.41 -3.60
N ALA A 37 -15.86 -14.96 -4.30
CA ALA A 37 -16.34 -15.67 -5.46
C ALA A 37 -15.40 -15.54 -6.63
N ALA A 38 -14.41 -14.67 -6.52
CA ALA A 38 -13.47 -14.46 -7.61
C ALA A 38 -12.13 -15.15 -7.31
N LEU A 39 -11.84 -15.33 -6.01
CA LEU A 39 -10.66 -16.02 -5.59
C LEU A 39 -10.93 -17.50 -5.46
N GLY A 40 -12.19 -17.84 -5.19
CA GLY A 40 -12.59 -19.23 -5.06
C GLY A 40 -12.27 -19.73 -3.69
N TYR A 41 -12.29 -18.82 -2.72
CA TYR A 41 -12.32 -19.18 -1.31
C TYR A 41 -12.91 -18.07 -0.48
N ASP A 42 -13.19 -18.35 0.78
CA ASP A 42 -13.84 -17.40 1.68
C ASP A 42 -12.81 -16.45 2.24
N LEU A 43 -12.77 -15.22 1.73
CA LEU A 43 -11.75 -14.27 2.06
C LEU A 43 -12.09 -13.59 3.38
N TRP A 44 -13.39 -13.44 3.63
CA TRP A 44 -13.86 -12.89 4.88
C TRP A 44 -13.45 -13.86 5.98
N ALA A 45 -13.70 -15.14 5.75
CA ALA A 45 -13.37 -16.13 6.77
C ALA A 45 -11.88 -16.08 6.98
N LEU A 46 -11.15 -15.85 5.91
CA LEU A 46 -9.70 -15.73 6.03
C LEU A 46 -9.37 -14.61 7.01
N THR A 47 -9.88 -13.41 6.75
CA THR A 47 -9.50 -12.27 7.56
C THR A 47 -9.98 -12.41 8.98
N GLN A 48 -11.08 -13.13 9.21
CA GLN A 48 -11.72 -13.11 10.52
C GLN A 48 -11.10 -14.14 11.43
N GLN A 49 -10.63 -15.23 10.85
CA GLN A 49 -10.23 -16.38 11.64
C GLN A 49 -8.74 -16.65 11.47
N GLY A 50 -8.14 -16.07 10.44
CA GLY A 50 -6.78 -16.40 10.06
C GLY A 50 -6.62 -17.86 9.72
N PRO A 51 -5.49 -18.43 10.13
CA PRO A 51 -4.51 -17.70 10.96
C PRO A 51 -3.83 -16.52 10.28
N ALA A 52 -3.21 -15.69 11.10
CA ALA A 52 -2.18 -14.76 10.70
C ALA A 52 -1.16 -15.30 9.70
N GLU A 53 -0.49 -16.40 10.06
CA GLU A 53 0.58 -16.90 9.22
C GLU A 53 0.05 -16.77 7.80
N GLU A 54 -1.20 -17.14 7.63
CA GLU A 54 -1.77 -17.31 6.31
C GLU A 54 -2.17 -15.97 5.78
N LEU A 55 -2.98 -15.27 6.56
CA LEU A 55 -3.44 -13.94 6.17
C LEU A 55 -2.26 -13.03 5.83
N ASN A 56 -1.07 -13.37 6.30
CA ASN A 56 0.10 -12.54 6.04
C ASN A 56 0.85 -12.95 4.79
N LYS A 57 0.44 -14.02 4.13
CA LYS A 57 1.14 -14.38 2.90
C LYS A 57 0.63 -13.44 1.82
N THR A 58 1.54 -12.87 1.04
CA THR A 58 1.24 -11.65 0.32
C THR A 58 0.13 -11.82 -0.73
N TRP A 59 0.02 -13.00 -1.32
CA TRP A 59 -0.97 -13.22 -2.39
C TRP A 59 -2.37 -13.40 -1.80
N GLN A 60 -2.47 -13.34 -0.48
CA GLN A 60 -3.79 -13.30 0.13
C GLN A 60 -3.99 -11.98 0.85
N THR A 61 -2.89 -11.41 1.33
CA THR A 61 -2.94 -10.13 2.00
C THR A 61 -3.44 -9.09 1.03
N GLN A 62 -2.87 -9.11 -0.15
CA GLN A 62 -3.15 -8.04 -1.05
C GLN A 62 -4.65 -8.05 -1.33
N PRO A 63 -5.22 -9.21 -1.59
CA PRO A 63 -6.65 -9.28 -1.92
C PRO A 63 -7.48 -8.89 -0.70
N ALA A 64 -7.05 -9.32 0.48
CA ALA A 64 -7.83 -9.00 1.67
C ALA A 64 -7.87 -7.48 1.88
N LEU A 65 -6.71 -6.84 1.88
CA LEU A 65 -6.66 -5.38 2.07
C LEU A 65 -7.42 -4.62 0.98
N LEU A 66 -7.18 -4.95 -0.28
CA LEU A 66 -7.97 -4.39 -1.37
C LEU A 66 -9.44 -4.43 -0.99
N THR A 67 -9.86 -5.57 -0.44
CA THR A 67 -11.27 -5.83 -0.20
C THR A 67 -11.74 -4.98 0.97
N ALA A 68 -11.01 -4.99 2.06
CA ALA A 68 -11.37 -4.10 3.15
C ALA A 68 -11.60 -2.68 2.62
N SER A 69 -10.70 -2.22 1.77
CA SER A 69 -10.66 -0.80 1.48
C SER A 69 -11.87 -0.48 0.64
N VAL A 70 -12.08 -1.32 -0.36
CA VAL A 70 -13.19 -1.11 -1.26
C VAL A 70 -14.50 -1.19 -0.44
N ALA A 71 -14.54 -2.13 0.49
CA ALA A 71 -15.68 -2.23 1.34
C ALA A 71 -15.92 -0.93 2.10
N LEU A 72 -14.95 -0.49 2.91
CA LEU A 72 -15.08 0.81 3.61
C LEU A 72 -15.44 1.97 2.66
N TYR A 73 -14.96 1.96 1.43
CA TYR A 73 -15.31 3.06 0.54
C TYR A 73 -16.79 2.97 0.20
N ARG A 74 -17.22 1.76 -0.14
CA ARG A 74 -18.61 1.51 -0.48
C ARG A 74 -19.51 2.00 0.65
N VAL A 75 -19.07 1.82 1.89
CA VAL A 75 -19.87 2.35 2.96
C VAL A 75 -19.93 3.86 2.79
N TRP A 76 -18.82 4.50 2.47
CA TRP A 76 -18.81 5.96 2.50
C TRP A 76 -19.89 6.46 1.59
N GLN A 77 -19.88 5.93 0.36
CA GLN A 77 -20.81 6.36 -0.65
C GLN A 77 -22.23 5.98 -0.25
N GLN A 78 -22.38 4.83 0.36
CA GLN A 78 -23.70 4.35 0.70
C GLN A 78 -24.35 5.41 1.57
N GLN A 79 -23.55 6.05 2.39
CA GLN A 79 -24.07 6.95 3.39
C GLN A 79 -24.02 8.39 2.90
N GLY A 80 -23.90 8.56 1.59
CA GLY A 80 -23.85 9.90 1.01
C GLY A 80 -22.63 10.67 1.48
N GLY A 81 -21.54 9.94 1.72
CA GLY A 81 -20.20 10.51 1.69
C GLY A 81 -19.90 11.20 0.40
N LYS A 82 -19.31 12.39 0.49
CA LYS A 82 -18.84 13.07 -0.70
C LYS A 82 -17.49 12.52 -1.12
N ALA A 83 -17.23 12.64 -2.41
CA ALA A 83 -16.03 12.07 -2.99
C ALA A 83 -14.87 12.96 -2.65
N PRO A 84 -13.74 12.33 -2.37
CA PRO A 84 -12.58 13.05 -1.92
C PRO A 84 -12.00 13.82 -3.09
N ALA A 85 -11.11 14.75 -2.82
CA ALA A 85 -10.54 15.57 -3.88
C ALA A 85 -9.43 14.81 -4.59
N MET A 86 -8.80 13.91 -3.85
CA MET A 86 -7.51 13.30 -4.21
C MET A 86 -7.47 11.92 -3.52
N MET A 87 -6.94 10.91 -4.20
CA MET A 87 -6.53 9.69 -3.48
C MET A 87 -5.07 9.29 -3.72
N ALA A 88 -4.51 8.62 -2.72
CA ALA A 88 -3.27 7.88 -2.87
C ALA A 88 -3.35 6.59 -2.07
N GLY A 89 -2.54 5.61 -2.47
CA GLY A 89 -2.54 4.31 -1.84
C GLY A 89 -1.11 3.78 -1.75
N HIS A 90 -0.74 3.31 -0.58
CA HIS A 90 0.62 2.94 -0.33
C HIS A 90 0.85 1.53 -0.83
N SER A 91 1.71 1.38 -1.84
CA SER A 91 2.00 0.08 -2.39
C SER A 91 0.68 -0.52 -2.87
N LEU A 92 0.19 -1.57 -2.21
CA LEU A 92 -0.94 -2.30 -2.74
C LEU A 92 -2.13 -1.32 -2.76
N GLY A 93 -2.13 -0.43 -1.77
CA GLY A 93 -3.07 0.68 -1.71
C GLY A 93 -3.39 1.35 -3.05
N GLU A 94 -2.38 1.49 -3.91
CA GLU A 94 -2.60 2.17 -5.17
C GLU A 94 -3.68 1.44 -5.99
N TYR A 95 -3.74 0.13 -5.83
CA TYR A 95 -4.77 -0.66 -6.48
C TYR A 95 -6.14 -0.31 -5.93
N SER A 96 -6.25 -0.08 -4.63
CA SER A 96 -7.55 0.20 -4.07
C SER A 96 -8.07 1.56 -4.51
N ALA A 97 -7.23 2.56 -4.29
CA ALA A 97 -7.35 3.83 -4.96
C ALA A 97 -7.94 3.63 -6.35
N LEU A 98 -7.30 2.81 -7.15
CA LEU A 98 -7.66 2.77 -8.55
C LEU A 98 -9.05 2.15 -8.75
N VAL A 99 -9.38 1.16 -7.92
CA VAL A 99 -10.71 0.59 -7.96
C VAL A 99 -11.77 1.65 -7.61
N CYS A 100 -11.57 2.33 -6.48
CA CYS A 100 -12.55 3.29 -5.97
C CYS A 100 -12.64 4.51 -6.86
N ALA A 101 -11.53 4.86 -7.49
CA ALA A 101 -11.53 5.88 -8.52
C ALA A 101 -12.23 5.36 -9.75
N GLY A 102 -12.71 4.15 -9.68
CA GLY A 102 -13.40 3.59 -10.83
C GLY A 102 -12.54 3.35 -12.07
N VAL A 103 -11.23 3.13 -11.90
CA VAL A 103 -10.39 2.85 -13.07
C VAL A 103 -10.27 1.38 -13.44
N ILE A 104 -10.18 0.53 -12.43
CA ILE A 104 -10.18 -0.93 -12.61
C ILE A 104 -11.38 -1.51 -11.94
N ASP A 105 -12.06 -2.48 -12.54
CA ASP A 105 -13.24 -3.02 -11.88
C ASP A 105 -12.78 -3.84 -10.67
N PHE A 106 -13.58 -3.82 -9.62
CA PHE A 106 -13.27 -4.52 -8.39
C PHE A 106 -12.83 -6.00 -8.52
N ALA A 107 -13.36 -6.74 -9.47
CA ALA A 107 -13.11 -8.19 -9.46
C ALA A 107 -11.88 -8.51 -10.29
N ASP A 108 -11.69 -7.77 -11.37
CA ASP A 108 -10.38 -7.75 -12.00
C ASP A 108 -9.26 -7.39 -10.99
N ALA A 109 -9.48 -6.34 -10.22
CA ALA A 109 -8.50 -5.92 -9.23
C ALA A 109 -8.23 -7.07 -8.31
N VAL A 110 -9.28 -7.73 -7.86
CA VAL A 110 -9.13 -8.79 -6.87
C VAL A 110 -8.27 -9.92 -7.41
N ARG A 111 -8.49 -10.33 -8.65
CA ARG A 111 -7.71 -11.45 -9.18
C ARG A 111 -6.32 -10.91 -9.41
N LEU A 112 -6.29 -9.65 -9.79
CA LEU A 112 -5.05 -9.03 -10.20
C LEU A 112 -4.06 -9.09 -9.05
N VAL A 113 -4.48 -8.56 -7.91
CA VAL A 113 -3.56 -8.40 -6.81
C VAL A 113 -3.19 -9.78 -6.26
N GLU A 114 -4.01 -10.78 -6.52
CA GLU A 114 -3.61 -12.13 -6.12
C GLU A 114 -2.51 -12.66 -7.03
N MET A 115 -2.65 -12.43 -8.32
CA MET A 115 -1.61 -12.83 -9.23
C MET A 115 -0.35 -12.05 -8.88
N ARG A 116 -0.52 -10.80 -8.47
CA ARG A 116 0.63 -9.95 -8.16
C ARG A 116 1.42 -10.61 -7.04
N GLY A 117 0.74 -10.78 -5.91
CA GLY A 117 1.22 -11.61 -4.83
C GLY A 117 2.08 -12.76 -5.30
N LYS A 118 1.63 -13.46 -6.32
CA LYS A 118 2.23 -14.73 -6.68
C LYS A 118 3.52 -14.44 -7.39
N PHE A 119 3.44 -13.63 -8.46
CA PHE A 119 4.64 -13.17 -9.15
C PHE A 119 5.64 -12.65 -8.14
N MET A 120 5.17 -11.89 -7.18
CA MET A 120 6.06 -11.32 -6.22
C MET A 120 6.73 -12.49 -5.52
N GLN A 121 5.95 -13.30 -4.81
CA GLN A 121 6.52 -14.34 -3.96
C GLN A 121 7.51 -15.20 -4.69
N GLU A 122 7.38 -15.28 -6.00
CA GLU A 122 8.05 -16.35 -6.70
C GLU A 122 9.25 -15.77 -7.40
N ALA A 123 9.46 -14.48 -7.18
CA ALA A 123 10.61 -13.82 -7.75
C ALA A 123 11.75 -13.87 -6.76
N VAL A 124 11.43 -13.98 -5.48
CA VAL A 124 12.46 -14.29 -4.50
C VAL A 124 12.08 -15.38 -3.52
N PRO A 125 12.97 -16.35 -3.39
CA PRO A 125 12.78 -17.48 -2.48
C PRO A 125 12.88 -17.04 -1.04
N GLU A 126 12.01 -17.56 -0.18
CA GLU A 126 11.83 -16.96 1.14
C GLU A 126 13.15 -17.14 1.87
N GLY A 127 13.52 -16.15 2.67
CA GLY A 127 14.75 -16.21 3.42
C GLY A 127 15.90 -15.77 2.54
N THR A 128 15.57 -15.48 1.28
CA THR A 128 16.52 -14.86 0.38
C THR A 128 16.62 -13.36 0.61
N GLY A 129 15.49 -12.71 0.82
CA GLY A 129 15.48 -11.26 0.90
C GLY A 129 15.02 -10.73 2.24
N ALA A 130 14.96 -9.41 2.34
CA ALA A 130 14.65 -8.75 3.60
C ALA A 130 14.25 -7.25 3.41
N MET A 131 13.51 -6.75 4.38
CA MET A 131 13.17 -5.35 4.45
C MET A 131 13.51 -4.89 5.84
N ALA A 132 13.93 -3.63 5.98
CA ALA A 132 14.23 -3.06 7.27
C ALA A 132 13.69 -1.64 7.30
N ALA A 133 13.32 -1.18 8.49
CA ALA A 133 12.83 0.18 8.63
C ALA A 133 13.86 1.04 9.32
N ILE A 134 14.35 2.04 8.61
CA ILE A 134 15.41 2.87 9.14
C ILE A 134 14.77 4.08 9.80
N ILE A 135 14.86 4.15 11.12
CA ILE A 135 14.26 5.23 11.85
C ILE A 135 15.35 6.22 12.03
N GLY A 136 15.16 7.42 11.50
CA GLY A 136 15.89 8.57 11.98
C GLY A 136 17.13 8.99 11.21
N LEU A 137 17.23 8.66 9.93
CA LEU A 137 18.30 9.20 9.07
C LEU A 137 17.67 9.92 7.91
N ASP A 138 18.39 10.90 7.38
CA ASP A 138 18.01 11.57 6.14
C ASP A 138 18.12 10.65 4.95
N ASP A 139 17.40 10.98 3.88
CA ASP A 139 17.34 10.10 2.71
C ASP A 139 18.72 9.75 2.15
N ALA A 140 19.65 10.68 2.18
CA ALA A 140 20.81 10.56 1.32
C ALA A 140 21.88 9.73 2.01
N SER A 141 21.97 9.89 3.32
CA SER A 141 22.81 9.02 4.09
C SER A 141 22.36 7.57 3.96
N ILE A 142 21.06 7.34 3.74
CA ILE A 142 20.57 5.99 3.47
C ILE A 142 20.94 5.46 2.06
N ALA A 143 20.66 6.24 1.03
CA ALA A 143 21.17 5.90 -0.30
C ALA A 143 22.60 5.47 -0.21
N LYS A 144 23.39 6.25 0.53
CA LYS A 144 24.82 6.10 0.53
C LYS A 144 25.08 4.79 1.27
N ALA A 145 24.56 4.71 2.49
CA ALA A 145 24.62 3.49 3.25
C ALA A 145 24.29 2.31 2.35
N CYS A 146 23.23 2.46 1.59
CA CYS A 146 22.80 1.34 0.80
C CYS A 146 23.89 1.05 -0.22
N GLU A 147 24.42 2.11 -0.86
CA GLU A 147 25.33 1.88 -1.98
C GLU A 147 26.62 1.15 -1.54
N GLU A 148 27.10 1.40 -0.33
CA GLU A 148 28.37 0.87 0.07
C GLU A 148 28.18 -0.52 0.64
N ALA A 149 26.96 -0.84 1.01
CA ALA A 149 26.69 -2.12 1.63
C ALA A 149 26.40 -3.17 0.55
N ALA A 150 26.29 -2.72 -0.69
CA ALA A 150 25.62 -3.52 -1.71
C ALA A 150 26.52 -4.70 -2.07
N GLU A 151 27.77 -4.39 -2.38
CA GLU A 151 28.83 -5.39 -2.35
C GLU A 151 28.46 -6.47 -3.35
N GLY A 152 27.77 -6.04 -4.40
CA GLY A 152 27.46 -6.93 -5.50
C GLY A 152 26.01 -7.38 -5.46
N GLN A 153 25.45 -7.51 -4.25
CA GLN A 153 24.04 -7.86 -4.11
C GLN A 153 23.19 -6.61 -4.29
N VAL A 154 21.93 -6.71 -3.87
CA VAL A 154 20.94 -5.68 -4.14
C VAL A 154 20.33 -5.23 -2.84
N VAL A 155 20.50 -3.95 -2.52
CA VAL A 155 19.72 -3.34 -1.46
C VAL A 155 19.48 -1.89 -1.74
N SER A 156 18.31 -1.38 -1.41
CA SER A 156 18.09 0.05 -1.53
C SER A 156 16.83 0.46 -0.82
N PRO A 157 16.66 1.76 -0.66
CA PRO A 157 15.47 2.30 -0.01
C PRO A 157 14.25 2.05 -0.87
N VAL A 158 13.15 1.57 -0.31
CA VAL A 158 12.00 1.17 -1.09
C VAL A 158 10.77 1.93 -0.66
N ASN A 159 10.72 2.31 0.61
CA ASN A 159 9.57 3.06 1.12
C ASN A 159 10.03 4.36 1.75
N PHE A 160 9.70 5.45 1.08
CA PHE A 160 9.85 6.78 1.64
C PHE A 160 8.55 7.14 2.33
N ASN A 161 8.45 6.76 3.61
CA ASN A 161 7.20 6.82 4.36
C ASN A 161 7.02 8.18 5.04
N SER A 162 7.98 8.58 5.87
CA SER A 162 8.25 10.01 6.07
C SER A 162 9.72 10.29 6.28
N PRO A 163 9.99 11.56 6.49
CA PRO A 163 11.29 12.02 6.98
C PRO A 163 11.60 11.32 8.26
N GLY A 164 12.72 10.64 8.27
CA GLY A 164 13.08 9.76 9.34
C GLY A 164 12.17 8.59 9.49
N GLN A 165 11.47 8.21 8.42
CA GLN A 165 11.16 6.79 8.23
C GLN A 165 11.28 6.38 6.78
N VAL A 166 12.27 5.53 6.55
CA VAL A 166 12.53 4.94 5.23
C VAL A 166 12.66 3.42 5.29
N VAL A 167 11.96 2.67 4.43
CA VAL A 167 12.21 1.23 4.33
C VAL A 167 13.22 0.86 3.21
N ILE A 168 14.10 -0.10 3.49
CA ILE A 168 15.03 -0.61 2.49
C ILE A 168 14.87 -2.10 2.32
N ALA A 169 15.45 -2.66 1.26
CA ALA A 169 15.16 -4.05 0.90
C ALA A 169 16.08 -4.57 -0.20
N GLY A 170 16.10 -5.89 -0.37
CA GLY A 170 17.02 -6.51 -1.29
C GLY A 170 17.44 -7.83 -0.71
N HIS A 171 18.64 -8.30 -1.05
CA HIS A 171 19.15 -9.56 -0.52
C HIS A 171 19.32 -9.45 0.99
N LYS A 172 18.88 -10.46 1.72
CA LYS A 172 18.92 -10.41 3.17
C LYS A 172 20.26 -9.89 3.70
N GLU A 173 21.36 -10.42 3.22
CA GLU A 173 22.68 -9.98 3.68
C GLU A 173 22.92 -8.47 3.52
N ALA A 174 22.79 -7.96 2.31
CA ALA A 174 22.98 -6.55 2.05
C ALA A 174 22.09 -5.66 2.95
N VAL A 175 20.85 -6.08 3.16
CA VAL A 175 20.01 -5.34 4.09
C VAL A 175 20.74 -5.26 5.41
N GLU A 176 21.21 -6.41 5.88
CA GLU A 176 22.06 -6.46 7.06
C GLU A 176 23.18 -5.41 6.93
N ARG A 177 24.00 -5.50 5.89
CA ARG A 177 25.14 -4.61 5.83
C ARG A 177 24.54 -3.23 6.02
N ALA A 178 23.43 -2.98 5.36
CA ALA A 178 22.98 -1.60 5.14
C ALA A 178 22.41 -0.99 6.42
N GLY A 179 21.64 -1.78 7.14
CA GLY A 179 21.08 -1.32 8.40
C GLY A 179 22.22 -0.89 9.26
N ALA A 180 23.20 -1.76 9.37
CA ALA A 180 24.34 -1.47 10.19
C ALA A 180 24.83 -0.12 9.70
N ALA A 181 25.09 -0.03 8.41
CA ALA A 181 25.71 1.18 7.92
C ALA A 181 24.92 2.32 8.51
N CYS A 182 23.60 2.29 8.30
CA CYS A 182 22.76 3.42 8.66
C CYS A 182 22.92 3.75 10.13
N LYS A 183 23.05 2.73 10.96
CA LYS A 183 23.27 2.96 12.37
C LYS A 183 24.61 3.67 12.52
N ALA A 184 25.63 3.18 11.83
CA ALA A 184 26.90 3.88 11.84
C ALA A 184 26.63 5.36 11.66
N ALA A 185 25.69 5.69 10.81
CA ALA A 185 25.69 7.00 10.19
C ALA A 185 24.77 7.96 10.94
N GLY A 186 24.13 7.45 11.99
CA GLY A 186 23.49 8.30 12.98
C GLY A 186 22.03 7.96 13.20
N ALA A 187 21.60 6.79 12.73
CA ALA A 187 20.19 6.42 12.74
C ALA A 187 19.75 5.91 14.10
N LYS A 188 18.51 6.17 14.48
CA LYS A 188 18.04 5.74 15.80
C LYS A 188 17.92 4.24 15.82
N ARG A 189 17.49 3.69 14.69
CA ARG A 189 16.91 2.36 14.64
C ARG A 189 17.06 1.83 13.21
N ALA A 190 17.63 0.64 13.08
CA ALA A 190 17.25 -0.24 11.99
C ALA A 190 16.43 -1.37 12.56
N LEU A 191 15.14 -1.35 12.32
CA LEU A 191 14.30 -2.41 12.87
C LEU A 191 13.89 -3.39 11.77
N PRO A 192 14.27 -4.65 11.97
CA PRO A 192 14.11 -5.68 10.95
C PRO A 192 12.66 -5.94 10.77
N LEU A 193 12.22 -6.07 9.55
CA LEU A 193 10.82 -6.22 9.29
C LEU A 193 10.51 -7.65 8.90
N PRO A 194 9.40 -8.14 9.43
CA PRO A 194 9.00 -9.54 9.29
C PRO A 194 8.24 -9.72 7.99
N VAL A 195 8.91 -9.52 6.88
CA VAL A 195 8.30 -9.75 5.59
C VAL A 195 9.19 -10.60 4.74
N SER A 196 8.58 -11.50 3.99
CA SER A 196 9.31 -12.26 2.97
C SER A 196 9.90 -11.28 1.94
N VAL A 197 9.09 -10.36 1.42
CA VAL A 197 9.20 -9.93 0.04
C VAL A 197 9.75 -8.51 -0.09
N PRO A 198 10.94 -8.43 -0.66
CA PRO A 198 11.58 -7.15 -0.95
C PRO A 198 10.88 -6.46 -2.09
N SER A 199 9.77 -5.81 -1.78
CA SER A 199 8.97 -5.07 -2.75
C SER A 199 9.75 -3.83 -3.11
N HIS A 200 9.69 -3.44 -4.39
CA HIS A 200 10.01 -2.07 -4.78
C HIS A 200 11.49 -1.83 -4.93
N CYS A 201 12.30 -2.88 -4.91
CA CYS A 201 13.66 -2.78 -5.42
C CYS A 201 13.90 -3.62 -6.68
N ALA A 202 15.15 -3.69 -7.14
CA ALA A 202 15.44 -4.24 -8.46
C ALA A 202 14.98 -5.67 -8.54
N LEU A 203 14.95 -6.33 -7.39
CA LEU A 203 14.68 -7.75 -7.36
C LEU A 203 13.26 -8.10 -7.79
N MET A 204 12.35 -7.13 -7.85
CA MET A 204 10.99 -7.43 -8.34
C MET A 204 10.86 -7.26 -9.85
N LYS A 205 11.93 -6.85 -10.52
CA LYS A 205 11.83 -6.61 -11.95
C LYS A 205 10.97 -7.71 -12.64
N PRO A 206 11.45 -8.94 -12.53
CA PRO A 206 10.92 -10.09 -13.27
C PRO A 206 9.47 -10.31 -12.90
N ALA A 207 9.09 -10.00 -11.67
CA ALA A 207 7.68 -10.12 -11.30
C ALA A 207 6.88 -9.18 -12.15
N ALA A 208 7.47 -8.06 -12.51
CA ALA A 208 6.72 -6.94 -13.01
C ALA A 208 6.58 -7.06 -14.51
N ASP A 209 7.66 -7.48 -15.16
CA ASP A 209 7.53 -8.02 -16.50
C ASP A 209 6.24 -8.80 -16.52
N LYS A 210 6.14 -9.71 -15.55
CA LYS A 210 5.02 -10.65 -15.62
C LYS A 210 3.72 -9.88 -15.38
N LEU A 211 3.77 -8.95 -14.44
CA LEU A 211 2.61 -8.17 -14.10
C LEU A 211 2.10 -7.36 -15.30
N ALA A 212 3.00 -6.88 -16.13
CA ALA A 212 2.58 -6.15 -17.32
C ALA A 212 1.65 -6.99 -18.20
N VAL A 213 1.96 -8.28 -18.31
CA VAL A 213 1.18 -9.16 -19.18
C VAL A 213 -0.24 -9.18 -18.67
N GLU A 214 -0.42 -9.44 -17.38
CA GLU A 214 -1.77 -9.49 -16.84
C GLU A 214 -2.47 -8.13 -16.99
N LEU A 215 -1.80 -7.06 -16.60
CA LEU A 215 -2.39 -5.73 -16.67
C LEU A 215 -2.93 -5.48 -18.05
N ALA A 216 -2.22 -6.00 -19.03
CA ALA A 216 -2.47 -5.68 -20.42
C ALA A 216 -3.79 -6.30 -20.84
N LYS A 217 -4.29 -7.24 -20.04
CA LYS A 217 -5.63 -7.81 -20.25
C LYS A 217 -6.78 -7.11 -19.50
N ILE A 218 -6.45 -6.30 -18.50
CA ILE A 218 -7.51 -5.66 -17.72
C ILE A 218 -7.83 -4.31 -18.32
N THR A 219 -9.10 -4.06 -18.57
CA THR A 219 -9.51 -2.76 -19.03
C THR A 219 -9.22 -1.75 -17.96
N PHE A 220 -8.58 -0.66 -18.38
CA PHE A 220 -8.32 0.46 -17.48
C PHE A 220 -9.07 1.71 -17.94
N ASN A 221 -10.06 2.12 -17.17
CA ASN A 221 -10.81 3.33 -17.50
C ASN A 221 -10.21 4.61 -16.90
N ALA A 222 -10.74 5.73 -17.36
CA ALA A 222 -10.40 7.04 -16.82
C ALA A 222 -10.81 7.26 -15.35
N PRO A 223 -9.89 7.76 -14.54
CA PRO A 223 -10.19 8.05 -13.14
C PRO A 223 -11.30 9.06 -13.00
N THR A 224 -12.18 8.87 -12.03
CA THR A 224 -13.19 9.86 -11.71
C THR A 224 -12.62 10.80 -10.70
N VAL A 225 -11.61 10.33 -9.99
CA VAL A 225 -10.86 11.23 -9.14
C VAL A 225 -9.39 11.05 -9.36
N PRO A 226 -8.64 12.09 -9.12
CA PRO A 226 -7.20 12.06 -9.28
C PRO A 226 -6.55 11.12 -8.26
N VAL A 227 -5.61 10.34 -8.78
CA VAL A 227 -4.89 9.34 -8.01
C VAL A 227 -3.43 9.62 -8.19
N VAL A 228 -2.79 10.11 -7.16
CA VAL A 228 -1.36 10.37 -7.19
C VAL A 228 -0.55 9.09 -7.03
N ASN A 229 0.26 8.73 -8.03
CA ASN A 229 0.80 7.38 -8.03
C ASN A 229 2.10 7.25 -7.25
N ASN A 230 2.39 6.04 -6.78
CA ASN A 230 3.53 5.88 -5.89
C ASN A 230 4.86 6.21 -6.58
N VAL A 231 4.94 6.02 -7.89
CA VAL A 231 6.24 5.85 -8.53
C VAL A 231 6.74 7.15 -9.13
N ASP A 232 5.82 7.99 -9.62
CA ASP A 232 6.20 9.27 -10.19
C ASP A 232 5.66 10.47 -9.42
N VAL A 233 4.85 10.20 -8.41
CA VAL A 233 4.07 11.23 -7.76
C VAL A 233 3.32 12.04 -8.80
N LYS A 234 2.84 11.38 -9.84
CA LYS A 234 2.10 12.00 -10.94
C LYS A 234 0.67 11.47 -11.03
N CYS A 235 -0.27 12.34 -11.37
CA CYS A 235 -1.66 11.95 -11.49
C CYS A 235 -2.01 11.61 -12.93
N GLU A 236 -1.78 10.37 -13.34
CA GLU A 236 -1.99 9.93 -14.69
C GLU A 236 -3.48 9.73 -15.01
N THR A 237 -3.84 9.90 -16.28
CA THR A 237 -5.18 9.60 -16.71
C THR A 237 -5.23 8.49 -17.75
N ASN A 238 -4.27 8.49 -18.66
CA ASN A 238 -4.08 7.36 -19.55
C ASN A 238 -3.90 6.07 -18.79
N GLY A 239 -4.92 5.22 -18.85
CA GLY A 239 -4.83 3.86 -18.34
C GLY A 239 -3.57 3.17 -18.82
N ASP A 240 -3.19 3.39 -20.06
CA ASP A 240 -1.94 2.80 -20.48
C ASP A 240 -0.82 3.40 -19.60
N ALA A 241 -0.93 4.67 -19.22
CA ALA A 241 0.08 5.30 -18.37
C ALA A 241 -0.04 4.87 -16.91
N ILE A 242 -1.28 4.65 -16.49
CA ILE A 242 -1.50 4.07 -15.18
C ILE A 242 -0.89 2.68 -15.07
N ARG A 243 -1.33 1.80 -15.97
CA ARG A 243 -0.70 0.50 -16.16
C ARG A 243 0.80 0.61 -16.13
N ASP A 244 1.38 1.54 -16.87
CA ASP A 244 2.83 1.58 -16.90
C ASP A 244 3.36 1.87 -15.50
N ALA A 245 2.58 2.57 -14.68
CA ALA A 245 3.10 2.98 -13.37
C ALA A 245 2.90 1.87 -12.36
N LEU A 246 1.82 1.12 -12.54
CA LEU A 246 1.69 -0.11 -11.75
C LEU A 246 2.94 -0.91 -11.99
N VAL A 247 3.28 -1.11 -13.27
CA VAL A 247 4.38 -2.01 -13.56
C VAL A 247 5.66 -1.56 -12.88
N ARG A 248 5.94 -0.28 -12.88
CA ARG A 248 7.22 0.14 -12.29
C ARG A 248 7.17 0.27 -10.77
N GLN A 249 5.99 0.57 -10.23
CA GLN A 249 5.80 0.47 -8.79
C GLN A 249 6.53 -0.75 -8.29
N LEU A 250 6.54 -1.78 -9.09
CA LEU A 250 6.86 -3.08 -8.55
C LEU A 250 8.31 -3.03 -8.13
N TYR A 251 9.17 -2.43 -8.97
CA TYR A 251 10.62 -2.42 -8.73
C TYR A 251 11.21 -1.04 -8.37
N ASN A 252 10.34 -0.07 -8.08
CA ASN A 252 10.83 1.25 -7.74
C ASN A 252 10.32 1.72 -6.39
N PRO A 253 11.05 2.63 -5.78
CA PRO A 253 10.73 3.11 -4.43
C PRO A 253 9.33 3.66 -4.40
N VAL A 254 8.63 3.49 -3.30
CA VAL A 254 7.34 4.13 -3.14
C VAL A 254 7.48 5.56 -2.58
N GLN A 255 7.19 6.56 -3.39
CA GLN A 255 7.35 7.92 -2.93
C GLN A 255 6.21 8.45 -2.07
N TRP A 256 6.11 7.98 -0.82
CA TRP A 256 4.93 8.36 -0.03
C TRP A 256 5.09 9.81 0.40
N THR A 257 6.18 10.09 1.09
CA THR A 257 6.45 11.42 1.60
C THR A 257 6.16 12.51 0.59
N LYS A 258 6.70 12.41 -0.62
CA LYS A 258 6.47 13.46 -1.60
C LYS A 258 5.01 13.41 -2.02
N SER A 259 4.39 12.25 -1.82
CA SER A 259 3.05 12.14 -2.32
C SER A 259 2.07 12.87 -1.37
N VAL A 260 2.33 12.80 -0.09
CA VAL A 260 1.45 13.44 0.86
C VAL A 260 1.71 14.94 0.70
N GLU A 261 2.99 15.25 0.47
CA GLU A 261 3.42 16.64 0.29
C GLU A 261 2.66 17.21 -0.91
N TYR A 262 2.53 16.43 -1.96
CA TYR A 262 2.04 16.93 -3.23
C TYR A 262 0.61 17.32 -3.02
N MET A 263 -0.04 16.62 -2.11
CA MET A 263 -1.48 16.75 -1.93
C MET A 263 -1.84 17.82 -0.89
N ALA A 264 -1.02 17.99 0.13
CA ALA A 264 -0.94 19.29 0.74
C ALA A 264 -0.61 20.34 -0.33
N ALA A 265 0.45 20.16 -1.10
CA ALA A 265 0.83 21.27 -1.95
C ALA A 265 -0.38 21.50 -2.82
N GLN A 266 -1.27 20.54 -2.73
CA GLN A 266 -2.32 20.39 -3.71
C GLN A 266 -3.60 21.06 -3.25
N GLY A 267 -3.63 21.50 -1.99
CA GLY A 267 -4.86 21.97 -1.35
C GLY A 267 -5.39 21.15 -0.15
N VAL A 268 -4.97 19.91 -0.01
CA VAL A 268 -5.73 19.01 0.85
C VAL A 268 -5.42 19.25 2.30
N GLU A 269 -6.47 19.44 3.10
CA GLU A 269 -6.27 19.76 4.50
C GLU A 269 -6.40 18.55 5.43
N HIS A 270 -7.07 17.50 4.96
CA HIS A 270 -7.23 16.31 5.83
C HIS A 270 -7.09 14.99 5.05
N LEU A 271 -6.59 13.95 5.67
CA LEU A 271 -6.46 12.64 5.01
C LEU A 271 -7.14 11.51 5.80
N TYR A 272 -8.14 10.86 5.21
CA TYR A 272 -8.81 9.71 5.84
C TYR A 272 -8.21 8.39 5.41
N GLU A 273 -7.84 7.58 6.38
CA GLU A 273 -7.28 6.29 6.08
C GLU A 273 -8.43 5.30 5.86
N VAL A 274 -8.72 5.00 4.59
CA VAL A 274 -9.80 4.11 4.24
C VAL A 274 -9.28 2.67 4.15
N GLY A 275 -9.13 2.05 5.30
CA GLY A 275 -8.73 0.67 5.32
C GLY A 275 -8.33 0.42 6.73
N PRO A 276 -8.00 -0.83 7.06
CA PRO A 276 -7.74 -1.23 8.45
C PRO A 276 -6.50 -0.56 8.90
N GLY A 277 -6.37 -0.35 10.20
CA GLY A 277 -5.10 0.00 10.79
C GLY A 277 -5.02 1.50 10.82
N LYS A 278 -3.96 2.05 11.41
CA LYS A 278 -3.69 3.48 11.42
C LYS A 278 -2.36 3.91 10.76
N VAL A 279 -1.81 3.17 9.83
CA VAL A 279 -0.41 3.40 9.48
C VAL A 279 -0.22 4.71 8.73
N LEU A 280 -0.99 4.92 7.66
CA LEU A 280 -0.92 6.19 6.92
C LEU A 280 -1.31 7.34 7.81
N THR A 281 -2.20 7.07 8.74
CA THR A 281 -2.62 8.09 9.68
C THR A 281 -1.44 8.52 10.51
N GLY A 282 -0.69 7.55 11.01
CA GLY A 282 0.42 7.81 11.91
C GLY A 282 1.47 8.68 11.25
N LEU A 283 1.63 8.54 9.94
CA LEU A 283 2.78 9.10 9.26
C LEU A 283 2.49 10.55 8.96
N THR A 284 1.23 10.89 8.83
CA THR A 284 0.85 12.10 8.13
C THR A 284 1.57 13.30 8.73
N LYS A 285 1.47 13.49 10.03
CA LYS A 285 1.93 14.74 10.62
C LYS A 285 3.43 14.82 10.61
N ARG A 286 4.10 13.67 10.53
CA ARG A 286 5.53 13.63 10.29
C ARG A 286 5.91 14.23 8.94
N ILE A 287 4.96 14.29 8.01
CA ILE A 287 5.21 14.80 6.67
C ILE A 287 4.84 16.27 6.53
N VAL A 288 3.75 16.63 7.18
CA VAL A 288 3.24 17.98 7.13
C VAL A 288 2.36 18.14 8.35
N ASP A 289 2.84 18.82 9.38
CA ASP A 289 2.21 18.61 10.69
C ASP A 289 1.01 19.47 10.85
N THR A 290 0.75 20.36 9.92
CA THR A 290 -0.54 21.02 9.89
C THR A 290 -1.62 20.06 9.45
N LEU A 291 -1.26 19.10 8.60
CA LEU A 291 -2.22 18.16 8.06
C LEU A 291 -2.76 17.31 9.18
N THR A 292 -4.04 16.95 9.06
CA THR A 292 -4.65 16.00 9.99
C THR A 292 -5.12 14.71 9.31
N ALA A 293 -5.29 13.69 10.14
CA ALA A 293 -5.37 12.35 9.63
C ALA A 293 -6.27 11.61 10.55
N SER A 294 -7.10 10.77 9.97
CA SER A 294 -7.85 9.82 10.75
C SER A 294 -8.24 8.64 9.86
N ALA A 295 -8.36 7.48 10.49
CA ALA A 295 -8.86 6.28 9.87
C ALA A 295 -10.39 6.25 9.79
N LEU A 296 -10.92 5.84 8.64
CA LEU A 296 -12.30 5.42 8.55
C LEU A 296 -12.45 3.90 8.57
N ASN A 297 -11.97 3.23 9.61
CA ASN A 297 -12.27 1.79 9.73
C ASN A 297 -12.99 1.35 11.02
N GLU A 298 -13.60 2.28 11.75
CA GLU A 298 -14.61 1.94 12.74
C GLU A 298 -15.82 2.86 12.61
N PRO A 299 -16.99 2.37 13.04
CA PRO A 299 -18.27 3.05 12.86
C PRO A 299 -18.46 4.40 13.53
N SER A 300 -18.09 4.59 14.80
CA SER A 300 -18.18 5.94 15.39
C SER A 300 -17.44 6.94 14.49
N ALA A 301 -16.34 6.46 13.95
CA ALA A 301 -15.42 7.30 13.23
C ALA A 301 -15.95 7.51 11.83
N MET A 302 -16.52 6.46 11.28
CA MET A 302 -17.23 6.52 10.02
C MET A 302 -18.40 7.48 10.16
N ALA A 303 -19.19 7.26 11.20
CA ALA A 303 -20.31 8.14 11.48
C ALA A 303 -19.79 9.56 11.71
N ALA A 304 -18.72 9.65 12.48
CA ALA A 304 -18.25 10.97 12.92
C ALA A 304 -17.77 11.75 11.72
N ALA A 305 -17.15 11.08 10.77
CA ALA A 305 -16.57 11.80 9.63
C ALA A 305 -17.68 12.26 8.71
N LEU A 306 -18.80 11.54 8.74
CA LEU A 306 -19.80 11.64 7.70
C LEU A 306 -20.68 12.84 7.96
N GLU A 307 -20.46 13.45 9.11
CA GLU A 307 -21.44 14.35 9.68
C GLU A 307 -21.01 15.74 9.31
N LEU A 308 -19.81 15.83 8.74
CA LEU A 308 -19.18 17.12 8.54
C LEU A 308 -19.60 17.73 7.20
N1A COZ B . 11.68 10.27 12.55
C2A COZ B . 12.40 9.95 13.67
N3A COZ B . 11.95 8.88 14.50
C4A COZ B . 10.70 8.19 14.12
C5A COZ B . 10.05 8.58 12.99
C6A COZ B . 10.49 9.61 12.15
N6A COZ B . 9.86 9.98 10.94
N7A COZ B . 8.87 7.78 12.86
C8A COZ B . 8.87 6.89 13.95
N9A COZ B . 9.99 7.14 14.71
C1B COZ B . 10.33 6.34 15.89
C2B COZ B . 10.81 7.17 17.10
O2B COZ B . 10.19 8.46 17.15
C3B COZ B . 10.28 6.28 18.20
O3B COZ B . 10.15 6.94 19.45
P3B COZ B . 10.38 6.06 20.82
O7A COZ B . 9.26 5.00 20.84
O8A COZ B . 11.80 5.44 20.69
O9A COZ B . 10.27 7.08 22.00
C4B COZ B . 8.96 5.73 17.66
O4B COZ B . 9.21 5.54 16.28
C5B COZ B . 7.81 6.73 17.87
O5B COZ B . 6.87 6.63 16.80
P1A COZ B . 5.72 5.44 16.77
O1A COZ B . 6.17 4.30 17.63
O2A COZ B . 4.42 6.03 17.17
O3A COZ B . 5.63 4.93 15.19
P2A COZ B . 4.49 3.80 14.75
O4A COZ B . 3.14 4.41 14.83
O5A COZ B . 4.66 2.59 15.60
O6A COZ B . 4.83 3.41 13.19
CBP COZ B . 5.60 1.48 11.93
CCP COZ B . 5.96 2.63 12.88
CDP COZ B . 6.90 0.75 11.57
CEP COZ B . 4.66 0.52 12.66
CAP COZ B . 4.91 2.06 10.66
OAP COZ B . 5.64 3.16 10.13
C9P COZ B . 4.69 1.03 9.59
O9P COZ B . 3.79 0.19 9.63
N8P COZ B . 5.56 1.07 8.52
C7P COZ B . 5.51 0.06 7.45
C6P COZ B . 5.55 0.71 6.08
C5P COZ B . 5.76 -0.35 5.05
O5P COZ B . 6.73 -0.35 4.29
N4P COZ B . 4.84 -1.37 5.00
C3P COZ B . 5.03 -2.53 4.10
C2P COZ B . 4.86 -3.84 4.88
S1P COZ B . 6.02 -3.93 6.27
C1 MLA C . 3.64 -4.31 -2.58
O1A MLA C . 4.45 -3.63 -3.20
O1B MLA C . 2.94 -5.14 -3.13
C2 MLA C . 3.50 -4.14 -1.08
C3 MLA C . 2.69 -2.88 -0.84
O3A MLA C . 1.71 -3.00 -0.13
#